data_6BKU
#
_entry.id   6BKU
#
_cell.length_a   72.971
_cell.length_b   72.971
_cell.length_c   119.301
_cell.angle_alpha   90.00
_cell.angle_beta   90.00
_cell.angle_gamma   90.00
#
_symmetry.space_group_name_H-M   'P 43 21 2'
#
loop_
_entity.id
_entity.type
_entity.pdbx_description
1 polymer 'Calcium/calmodulin-dependent protein kinase kinase 2'
2 non-polymer '2-cyclopentyl-4-(5-phenyl-1H-pyrrolo[2,3-b]pyridin-3-yl)benzoic acid'
3 non-polymer 'FORMIC ACID'
4 water water
#
_entity_poly.entity_id   1
_entity_poly.type   'polypeptide(L)'
_entity_poly.pdbx_seq_one_letter_code
;SMQLNQYTLKDEIGKGSYGVVKLAYNENDNTYYAMKVLSKKKLIRQAGFPRRPPPRGTRPAPGGCIQPRGPIEQVYQEIA
ILKKLDHPNVVKLVEVLDDPNEDHLYMVFELVNQGPVMEVPTLKPLSEDQARFYFQDLIKGIEYLHYQKIIHRDIKPSNL
LVGEDGHIKIADFGVSNEFKGSDALLSNTVGTPAFMAPESLSETRKIFSGKALDVWAMGVTLYCFVFGQCPFMDERIMCL
HSKIKSQALEFPDQPDIAEDLKDLITRMLDKNPESRIVVPEIKLHPWVTRH
;
_entity_poly.pdbx_strand_id   A
#
loop_
_chem_comp.id
_chem_comp.type
_chem_comp.name
_chem_comp.formula
DXV non-polymer '2-cyclopentyl-4-(5-phenyl-1H-pyrrolo[2,3-b]pyridin-3-yl)benzoic acid' 'C25 H22 N2 O2'
FMT non-polymer 'FORMIC ACID' 'C H2 O2'
#
# COMPACT_ATOMS: atom_id res chain seq x y z
N SER A 1 -14.92 -22.85 12.88
CA SER A 1 -13.77 -22.95 11.97
C SER A 1 -14.07 -23.93 10.86
N MET A 2 -13.15 -24.01 9.90
CA MET A 2 -13.15 -25.04 8.91
C MET A 2 -11.72 -25.45 8.61
N GLN A 3 -11.58 -26.65 8.05
CA GLN A 3 -10.29 -27.22 7.74
C GLN A 3 -10.00 -27.14 6.24
N LEU A 4 -8.74 -26.91 5.91
CA LEU A 4 -8.32 -26.82 4.53
C LEU A 4 -6.92 -27.35 4.49
N ASN A 5 -6.78 -28.59 4.03
CA ASN A 5 -5.52 -29.37 4.17
C ASN A 5 -5.03 -29.29 5.61
N GLN A 6 -3.80 -28.81 5.83
CA GLN A 6 -3.25 -28.73 7.19
C GLN A 6 -3.67 -27.47 7.96
N TYR A 7 -4.55 -26.63 7.38
CA TYR A 7 -4.92 -25.34 7.96
C TYR A 7 -6.30 -25.35 8.56
N THR A 8 -6.41 -24.86 9.79
CA THR A 8 -7.69 -24.53 10.36
C THR A 8 -7.96 -23.04 10.14
N LEU A 9 -9.03 -22.73 9.42
CA LEU A 9 -9.43 -21.34 9.10
C LEU A 9 -10.36 -20.83 10.18
N LYS A 10 -10.11 -19.62 10.66
CA LYS A 10 -10.83 -19.07 11.80
C LYS A 10 -11.42 -17.71 11.41
N ASP A 11 -11.35 -16.71 12.29
CA ASP A 11 -11.98 -15.40 12.02
C ASP A 11 -11.40 -14.68 10.81
N GLU A 12 -12.25 -13.91 10.17
CA GLU A 12 -11.85 -12.92 9.19
C GLU A 12 -11.07 -11.85 9.94
N ILE A 13 -9.85 -11.53 9.51
CA ILE A 13 -9.08 -10.45 10.17
C ILE A 13 -8.97 -9.16 9.34
N GLY A 14 -9.14 -9.26 8.03
CA GLY A 14 -9.10 -8.08 7.15
C GLY A 14 -9.72 -8.32 5.80
N LYS A 15 -9.94 -7.23 5.09
CA LYS A 15 -10.54 -7.26 3.76
C LYS A 15 -9.82 -6.20 2.94
N GLY A 16 -9.08 -6.63 1.94
CA GLY A 16 -8.36 -5.69 1.07
C GLY A 16 -9.18 -5.36 -0.18
N SER A 17 -8.48 -5.00 -1.24
CA SER A 17 -9.12 -4.71 -2.52
C SER A 17 -9.94 -5.87 -3.06
N TYR A 18 -9.44 -7.09 -2.88
CA TYR A 18 -10.07 -8.31 -3.35
C TYR A 18 -10.09 -9.35 -2.25
N GLY A 19 -11.19 -10.10 -2.18
CA GLY A 19 -11.32 -11.24 -1.27
C GLY A 19 -11.35 -10.82 0.18
N VAL A 20 -11.00 -11.77 1.04
CA VAL A 20 -10.95 -11.57 2.49
C VAL A 20 -9.72 -12.27 3.03
N VAL A 21 -9.24 -11.82 4.18
CA VAL A 21 -8.11 -12.45 4.87
C VAL A 21 -8.58 -13.03 6.20
N LYS A 22 -8.31 -14.32 6.38
CA LYS A 22 -8.68 -15.08 7.57
C LYS A 22 -7.43 -15.41 8.36
N LEU A 23 -7.61 -15.53 9.67
CA LEU A 23 -6.60 -16.14 10.53
C LEU A 23 -6.59 -17.65 10.29
N ALA A 24 -5.42 -18.25 10.18
CA ALA A 24 -5.31 -19.67 9.88
C ALA A 24 -4.26 -20.32 10.72
N TYR A 25 -4.57 -21.48 11.29
CA TYR A 25 -3.66 -22.23 12.14
C TYR A 25 -3.17 -23.43 11.36
N ASN A 26 -1.84 -23.59 11.27
CA ASN A 26 -1.23 -24.69 10.54
C ASN A 26 -0.88 -25.75 11.59
N GLU A 27 -1.61 -26.87 11.54
CA GLU A 27 -1.41 -27.96 12.51
C GLU A 27 -0.06 -28.69 12.36
N ASN A 28 0.51 -28.70 11.15
CA ASN A 28 1.79 -29.36 10.90
C ASN A 28 2.94 -28.69 11.62
N ASP A 29 2.95 -27.35 11.69
CA ASP A 29 4.05 -26.63 12.34
C ASP A 29 3.60 -25.78 13.54
N ASN A 30 2.35 -25.96 13.97
CA ASN A 30 1.83 -25.26 15.15
C ASN A 30 1.97 -23.71 15.07
N THR A 31 1.79 -23.15 13.89
CA THR A 31 1.99 -21.72 13.66
C THR A 31 0.78 -21.08 12.98
N TYR A 32 0.51 -19.84 13.34
CA TYR A 32 -0.54 -19.06 12.72
C TYR A 32 -0.06 -18.32 11.49
N TYR A 33 -0.97 -18.23 10.53
CA TYR A 33 -0.77 -17.58 9.27
C TYR A 33 -2.00 -16.72 8.97
N ALA A 34 -1.84 -15.86 7.98
CA ALA A 34 -2.93 -15.10 7.43
C ALA A 34 -3.26 -15.69 6.05
N MET A 35 -4.53 -16.00 5.81
CA MET A 35 -4.91 -16.60 4.54
C MET A 35 -5.88 -15.74 3.76
N LYS A 36 -5.45 -15.30 2.59
CA LYS A 36 -6.32 -14.61 1.63
C LYS A 36 -7.13 -15.64 0.83
N VAL A 37 -8.42 -15.40 0.73
CA VAL A 37 -9.36 -16.29 0.08
C VAL A 37 -9.99 -15.51 -1.04
N LEU A 38 -9.95 -16.07 -2.25
CA LEU A 38 -10.55 -15.45 -3.44
C LEU A 38 -11.49 -16.43 -4.14
N SER A 39 -12.60 -15.92 -4.67
CA SER A 39 -13.48 -16.70 -5.53
C SER A 39 -13.17 -16.38 -7.00
N LYS A 40 -12.79 -17.38 -7.77
CA LYS A 40 -12.48 -17.17 -9.18
C LYS A 40 -13.68 -16.65 -9.97
N LYS A 41 -14.84 -17.27 -9.77
CA LYS A 41 -16.12 -16.86 -10.41
C LYS A 41 -16.52 -15.44 -10.08
N LYS A 42 -16.34 -15.04 -8.82
CA LYS A 42 -16.68 -13.69 -8.37
C LYS A 42 -15.76 -12.64 -9.00
N LEU A 43 -14.48 -12.97 -9.13
CA LEU A 43 -13.50 -12.10 -9.82
C LEU A 43 -13.85 -11.97 -11.28
N ILE A 44 -14.24 -13.07 -11.91
CA ILE A 44 -14.70 -13.04 -13.29
C ILE A 44 -15.89 -12.09 -13.42
N ARG A 45 -16.91 -12.26 -12.59
CA ARG A 45 -18.07 -11.38 -12.64
C ARG A 45 -17.78 -9.90 -12.30
N GLN A 46 -16.77 -9.64 -11.46
CA GLN A 46 -16.29 -8.29 -11.18
C GLN A 46 -15.70 -7.63 -12.44
N ALA A 47 -15.03 -8.42 -13.28
CA ALA A 47 -14.55 -7.95 -14.58
C ALA A 47 -15.68 -7.63 -15.58
N GLY A 48 -16.84 -8.29 -15.43
CA GLY A 48 -18.06 -7.93 -16.16
C GLY A 48 -18.45 -8.93 -17.23
N ILE A 72 -9.30 -14.87 -13.50
CA ILE A 72 -8.48 -13.75 -13.95
C ILE A 72 -6.99 -14.13 -13.92
N GLU A 73 -6.24 -13.60 -14.88
CA GLU A 73 -4.78 -13.75 -14.96
C GLU A 73 -4.09 -12.71 -14.05
N GLN A 74 -4.85 -11.68 -13.65
CA GLN A 74 -4.39 -10.70 -12.67
C GLN A 74 -4.00 -11.33 -11.33
N VAL A 75 -4.73 -12.37 -10.91
CA VAL A 75 -4.47 -13.04 -9.65
C VAL A 75 -3.13 -13.78 -9.71
N TYR A 76 -2.88 -14.44 -10.84
CA TYR A 76 -1.63 -15.17 -11.02
C TYR A 76 -0.44 -14.23 -11.20
N GLN A 77 -0.70 -13.02 -11.69
CA GLN A 77 0.28 -11.97 -11.67
C GLN A 77 0.64 -11.51 -10.23
N GLU A 78 -0.38 -11.33 -9.38
CA GLU A 78 -0.14 -10.98 -7.97
C GLU A 78 0.69 -12.06 -7.32
N ILE A 79 0.35 -13.32 -7.59
CA ILE A 79 1.09 -14.44 -7.03
C ILE A 79 2.55 -14.43 -7.49
N ALA A 80 2.76 -14.22 -8.79
CA ALA A 80 4.12 -14.15 -9.36
C ALA A 80 4.95 -13.04 -8.73
N ILE A 81 4.33 -11.88 -8.53
CA ILE A 81 4.98 -10.73 -7.88
C ILE A 81 5.36 -11.09 -6.43
N LEU A 82 4.40 -11.56 -5.66
CA LEU A 82 4.62 -11.90 -4.26
C LEU A 82 5.69 -12.98 -4.09
N LYS A 83 5.74 -13.95 -5.00
CA LYS A 83 6.81 -14.96 -4.95
C LYS A 83 8.22 -14.35 -5.15
N LYS A 84 8.32 -13.23 -5.86
CA LYS A 84 9.61 -12.53 -6.01
C LYS A 84 10.12 -11.84 -4.74
N LEU A 85 9.26 -11.58 -3.75
CA LEU A 85 9.58 -10.61 -2.72
C LEU A 85 9.96 -11.26 -1.42
N ASP A 86 11.14 -10.91 -0.94
CA ASP A 86 11.63 -11.38 0.34
C ASP A 86 12.34 -10.20 1.01
N HIS A 87 11.60 -9.48 1.83
CA HIS A 87 12.13 -8.30 2.51
C HIS A 87 11.40 -8.11 3.84
N PRO A 88 12.11 -7.67 4.89
CA PRO A 88 11.45 -7.57 6.20
C PRO A 88 10.34 -6.51 6.31
N ASN A 89 10.28 -5.54 5.39
CA ASN A 89 9.18 -4.58 5.35
C ASN A 89 8.14 -4.85 4.28
N VAL A 90 8.05 -6.11 3.85
CA VAL A 90 7.07 -6.55 2.86
C VAL A 90 6.49 -7.87 3.32
N VAL A 91 5.20 -8.09 3.08
CA VAL A 91 4.61 -9.37 3.50
C VAL A 91 5.22 -10.54 2.74
N LYS A 92 5.16 -11.71 3.35
CA LYS A 92 5.80 -12.90 2.81
C LYS A 92 4.73 -13.93 2.48
N LEU A 93 4.60 -14.25 1.20
CA LEU A 93 3.74 -15.33 0.77
C LEU A 93 4.47 -16.63 1.03
N VAL A 94 3.81 -17.59 1.67
CA VAL A 94 4.46 -18.87 1.94
C VAL A 94 3.88 -20.06 1.15
N GLU A 95 2.62 -19.99 0.73
CA GLU A 95 2.00 -21.08 -0.04
C GLU A 95 0.76 -20.60 -0.78
N VAL A 96 0.50 -21.22 -1.93
CA VAL A 96 -0.72 -21.02 -2.70
C VAL A 96 -1.41 -22.37 -2.84
N LEU A 97 -2.70 -22.42 -2.50
CA LEU A 97 -3.50 -23.62 -2.68
C LEU A 97 -4.54 -23.32 -3.74
N ASP A 98 -4.38 -23.96 -4.90
CA ASP A 98 -5.23 -23.72 -6.05
C ASP A 98 -5.53 -25.02 -6.79
N ASP A 99 -6.73 -25.56 -6.53
CA ASP A 99 -7.26 -26.73 -7.20
C ASP A 99 -7.97 -26.25 -8.47
N PRO A 100 -7.55 -26.75 -9.66
CA PRO A 100 -8.19 -26.27 -10.91
C PRO A 100 -9.69 -26.59 -11.06
N ASN A 101 -10.21 -27.51 -10.25
CA ASN A 101 -11.65 -27.83 -10.24
C ASN A 101 -12.42 -27.20 -9.07
N GLU A 102 -11.81 -26.23 -8.40
CA GLU A 102 -12.44 -25.52 -7.29
C GLU A 102 -12.54 -24.03 -7.63
N ASP A 103 -13.57 -23.37 -7.11
CA ASP A 103 -13.78 -21.94 -7.31
C ASP A 103 -12.80 -21.06 -6.50
N HIS A 104 -12.47 -21.47 -5.29
CA HIS A 104 -11.64 -20.68 -4.39
C HIS A 104 -10.17 -20.88 -4.61
N LEU A 105 -9.42 -19.77 -4.52
CA LEU A 105 -7.97 -19.80 -4.47
C LEU A 105 -7.52 -19.26 -3.09
N TYR A 106 -6.47 -19.85 -2.54
CA TYR A 106 -6.00 -19.51 -1.18
C TYR A 106 -4.50 -19.15 -1.21
N MET A 107 -4.18 -18.00 -0.63
CA MET A 107 -2.80 -17.54 -0.50
C MET A 107 -2.48 -17.37 0.98
N VAL A 108 -1.53 -18.17 1.45
CA VAL A 108 -1.08 -18.17 2.82
C VAL A 108 0.12 -17.24 2.96
N PHE A 109 0.02 -16.32 3.90
CA PHE A 109 1.07 -15.37 4.21
C PHE A 109 1.51 -15.54 5.67
N GLU A 110 2.72 -15.10 5.99
CA GLU A 110 3.11 -14.95 7.37
C GLU A 110 2.22 -13.90 8.04
N LEU A 111 1.83 -14.19 9.28
CA LEU A 111 0.98 -13.31 10.06
C LEU A 111 1.76 -12.10 10.58
N VAL A 112 1.18 -10.91 10.41
CA VAL A 112 1.71 -9.67 10.90
C VAL A 112 0.72 -9.18 11.96
N ASN A 113 0.92 -9.65 13.20
CA ASN A 113 -0.21 -9.80 14.14
C ASN A 113 -0.83 -8.52 14.69
N GLN A 114 -0.14 -7.39 14.69
CA GLN A 114 -0.73 -6.17 15.24
C GLN A 114 -1.60 -5.40 14.23
N GLY A 115 -1.64 -5.83 12.98
CA GLY A 115 -2.56 -5.24 11.99
C GLY A 115 -2.17 -3.86 11.51
N PRO A 116 -3.11 -3.14 10.89
CA PRO A 116 -2.78 -1.87 10.23
C PRO A 116 -2.26 -0.82 11.18
N VAL A 117 -1.28 -0.08 10.72
CA VAL A 117 -0.67 0.98 11.51
C VAL A 117 -1.70 2.07 11.89
N MET A 118 -2.70 2.27 11.04
CA MET A 118 -3.65 3.37 11.17
C MET A 118 -4.77 3.17 10.15
N GLU A 119 -5.97 3.61 10.50
CA GLU A 119 -7.09 3.72 9.58
C GLU A 119 -7.53 5.16 9.60
N VAL A 120 -7.60 5.79 8.44
CA VAL A 120 -7.90 7.21 8.30
C VAL A 120 -9.40 7.35 8.07
N PRO A 121 -10.09 8.29 8.70
CA PRO A 121 -9.54 9.24 9.66
C PRO A 121 -9.37 8.64 11.05
N THR A 122 -8.49 9.24 11.83
CA THR A 122 -8.28 8.80 13.20
C THR A 122 -8.06 9.99 14.09
N LEU A 123 -8.50 9.84 15.34
CA LEU A 123 -8.35 10.84 16.37
C LEU A 123 -7.01 10.74 17.07
N LYS A 124 -6.29 9.64 16.85
CA LYS A 124 -4.99 9.37 17.46
C LYS A 124 -3.88 9.28 16.38
N PRO A 125 -3.42 10.43 15.86
CA PRO A 125 -2.27 10.38 14.93
C PRO A 125 -0.97 10.01 15.65
N LEU A 126 0.06 9.73 14.87
CA LEU A 126 1.36 9.37 15.43
C LEU A 126 2.09 10.63 15.76
N SER A 127 3.02 10.53 16.71
CA SER A 127 3.96 11.62 16.95
C SER A 127 4.93 11.66 15.77
N GLU A 128 5.64 12.77 15.62
CA GLU A 128 6.70 12.86 14.61
C GLU A 128 7.72 11.73 14.70
N ASP A 129 8.15 11.41 15.92
CA ASP A 129 9.17 10.36 16.12
C ASP A 129 8.67 9.00 15.67
N GLN A 130 7.41 8.68 15.97
CA GLN A 130 6.84 7.38 15.61
C GLN A 130 6.60 7.34 14.07
N ALA A 131 6.08 8.43 13.52
CA ALA A 131 5.93 8.59 12.08
C ALA A 131 7.27 8.37 11.36
N ARG A 132 8.35 8.95 11.87
CA ARG A 132 9.67 8.80 11.25
C ARG A 132 10.10 7.34 11.24
N PHE A 133 9.87 6.66 12.35
CA PHE A 133 10.21 5.25 12.46
C PHE A 133 9.47 4.40 11.40
N TYR A 134 8.16 4.59 11.31
CA TYR A 134 7.36 3.86 10.36
C TYR A 134 7.65 4.29 8.93
N PHE A 135 7.89 5.58 8.71
CA PHE A 135 8.24 6.07 7.40
C PHE A 135 9.57 5.49 6.90
N GLN A 136 10.50 5.29 7.83
CA GLN A 136 11.77 4.65 7.51
C GLN A 136 11.57 3.22 7.02
N ASP A 137 10.71 2.46 7.70
CA ASP A 137 10.32 1.13 7.23
C ASP A 137 9.70 1.20 5.84
N LEU A 138 8.82 2.15 5.62
CA LEU A 138 8.10 2.30 4.37
C LEU A 138 9.06 2.59 3.21
N ILE A 139 10.01 3.50 3.42
CA ILE A 139 11.09 3.77 2.44
C ILE A 139 11.85 2.50 2.09
N LYS A 140 12.25 1.72 3.09
CA LYS A 140 12.98 0.47 2.82
C LYS A 140 12.17 -0.51 1.99
N GLY A 141 10.90 -0.67 2.34
CA GLY A 141 10.01 -1.55 1.58
C GLY A 141 9.81 -1.10 0.14
N ILE A 142 9.58 0.19 -0.05
CA ILE A 142 9.29 0.72 -1.37
C ILE A 142 10.52 0.70 -2.29
N GLU A 143 11.69 1.08 -1.76
CA GLU A 143 12.91 1.03 -2.56
C GLU A 143 13.18 -0.39 -3.01
N TYR A 144 12.90 -1.34 -2.12
CA TYR A 144 13.04 -2.74 -2.45
C TYR A 144 12.08 -3.14 -3.56
N LEU A 145 10.81 -2.75 -3.44
CA LEU A 145 9.83 -3.09 -4.47
C LEU A 145 10.25 -2.54 -5.81
N HIS A 146 10.63 -1.27 -5.81
CA HIS A 146 11.01 -0.60 -7.04
C HIS A 146 12.30 -1.19 -7.65
N TYR A 147 13.25 -1.57 -6.80
CA TYR A 147 14.41 -2.35 -7.25
C TYR A 147 14.01 -3.65 -7.93
N GLN A 148 12.99 -4.31 -7.40
CA GLN A 148 12.47 -5.55 -8.00
C GLN A 148 11.51 -5.30 -9.17
N LYS A 149 11.38 -4.05 -9.57
CA LYS A 149 10.53 -3.61 -10.68
C LYS A 149 9.05 -3.83 -10.43
N ILE A 150 8.64 -3.58 -9.18
CA ILE A 150 7.23 -3.63 -8.77
C ILE A 150 6.77 -2.25 -8.36
N ILE A 151 5.65 -1.80 -8.92
CA ILE A 151 4.94 -0.65 -8.37
C ILE A 151 3.71 -1.18 -7.61
N HIS A 152 3.54 -0.65 -6.40
CA HIS A 152 2.50 -1.16 -5.49
C HIS A 152 1.13 -0.65 -5.87
N ARG A 153 1.04 0.66 -6.05
CA ARG A 153 -0.17 1.38 -6.49
C ARG A 153 -1.31 1.52 -5.51
N ASP A 154 -1.12 1.10 -4.28
CA ASP A 154 -2.14 1.27 -3.24
C ASP A 154 -1.50 1.49 -1.88
N ILE A 155 -0.48 2.35 -1.85
CA ILE A 155 0.18 2.68 -0.59
C ILE A 155 -0.76 3.60 0.21
N LYS A 156 -1.06 3.18 1.43
CA LYS A 156 -1.92 3.93 2.34
C LYS A 156 -1.79 3.29 3.73
N PRO A 157 -2.06 4.08 4.79
CA PRO A 157 -1.80 3.55 6.13
C PRO A 157 -2.49 2.20 6.44
N SER A 158 -3.71 1.99 5.97
CA SER A 158 -4.40 0.71 6.22
C SER A 158 -3.79 -0.53 5.54
N ASN A 159 -2.85 -0.32 4.61
CA ASN A 159 -2.10 -1.39 3.95
C ASN A 159 -0.71 -1.61 4.52
N LEU A 160 -0.39 -0.92 5.62
CA LEU A 160 0.87 -1.06 6.28
C LEU A 160 0.63 -1.76 7.61
N LEU A 161 1.08 -3.00 7.72
CA LEU A 161 0.81 -3.84 8.87
C LEU A 161 1.97 -3.81 9.87
N VAL A 162 1.68 -3.70 11.17
CA VAL A 162 2.71 -3.70 12.21
C VAL A 162 2.92 -5.11 12.75
N GLY A 163 4.16 -5.58 12.69
CA GLY A 163 4.55 -6.91 13.17
C GLY A 163 4.83 -6.95 14.65
N GLU A 164 5.07 -8.15 15.17
CA GLU A 164 5.38 -8.32 16.60
C GLU A 164 6.65 -7.55 16.96
N ASP A 165 7.61 -7.50 16.04
CA ASP A 165 8.83 -6.68 16.18
C ASP A 165 8.65 -5.14 16.13
N GLY A 166 7.42 -4.66 15.94
CA GLY A 166 7.13 -3.23 15.90
C GLY A 166 7.39 -2.56 14.55
N HIS A 167 7.87 -3.30 13.53
CA HIS A 167 8.12 -2.71 12.20
C HIS A 167 6.95 -2.95 11.25
N ILE A 168 6.78 -2.05 10.29
CA ILE A 168 5.70 -2.23 9.31
C ILE A 168 6.09 -3.11 8.14
N LYS A 169 5.09 -3.83 7.62
CA LYS A 169 5.22 -4.58 6.37
C LYS A 169 4.17 -4.07 5.39
N ILE A 170 4.58 -3.85 4.15
CA ILE A 170 3.69 -3.46 3.07
C ILE A 170 2.86 -4.66 2.64
N ALA A 171 1.55 -4.48 2.59
CA ALA A 171 0.60 -5.51 2.22
C ALA A 171 -0.34 -5.08 1.11
N ASP A 172 -1.14 -6.05 0.67
CA ASP A 172 -2.16 -5.89 -0.39
C ASP A 172 -1.54 -5.53 -1.72
N PHE A 173 -1.08 -6.57 -2.41
CA PHE A 173 -0.52 -6.45 -3.74
C PHE A 173 -1.55 -6.69 -4.86
N GLY A 174 -2.85 -6.65 -4.54
CA GLY A 174 -3.90 -6.93 -5.52
C GLY A 174 -4.00 -6.02 -6.74
N VAL A 175 -3.45 -4.81 -6.66
CA VAL A 175 -3.40 -3.91 -7.83
C VAL A 175 -1.98 -3.54 -8.23
N SER A 176 -0.98 -4.27 -7.73
CA SER A 176 0.43 -3.98 -8.03
C SER A 176 0.76 -4.39 -9.47
N ASN A 177 1.82 -3.81 -10.02
CA ASN A 177 2.22 -4.10 -11.40
C ASN A 177 3.72 -4.29 -11.48
N GLU A 178 4.13 -5.24 -12.34
CA GLU A 178 5.53 -5.46 -12.64
C GLU A 178 5.81 -4.72 -13.95
N PHE A 179 6.90 -3.95 -13.99
CA PHE A 179 7.34 -3.32 -15.22
C PHE A 179 8.69 -3.89 -15.68
N LYS A 180 9.06 -3.55 -16.91
CA LYS A 180 10.35 -3.90 -17.48
C LYS A 180 11.05 -2.58 -17.77
N GLY A 181 12.37 -2.58 -17.76
CA GLY A 181 13.13 -1.36 -17.94
C GLY A 181 13.17 -0.60 -16.63
N SER A 182 13.24 0.71 -16.72
CA SER A 182 13.54 1.54 -15.58
C SER A 182 12.29 2.07 -14.87
N ASP A 183 11.13 2.07 -15.55
CA ASP A 183 9.89 2.54 -14.94
C ASP A 183 8.67 1.97 -15.68
N ALA A 184 7.51 1.97 -15.01
CA ALA A 184 6.23 1.65 -15.64
C ALA A 184 5.72 2.86 -16.40
N LEU A 185 5.31 2.64 -17.65
CA LEU A 185 4.73 3.69 -18.48
C LEU A 185 3.24 3.44 -18.49
N LEU A 186 2.53 4.21 -17.68
CA LEU A 186 1.10 4.00 -17.47
C LEU A 186 0.29 5.02 -18.22
N SER A 187 -0.80 4.59 -18.85
CA SER A 187 -1.77 5.53 -19.39
C SER A 187 -2.95 5.74 -18.45
N ASN A 188 -3.20 4.79 -17.57
CA ASN A 188 -4.21 4.97 -16.53
C ASN A 188 -3.74 4.12 -15.38
N THR A 189 -4.43 4.20 -14.24
CA THR A 189 -4.03 3.43 -13.09
C THR A 189 -5.20 3.14 -12.17
N VAL A 190 -4.97 2.17 -11.30
CA VAL A 190 -5.94 1.74 -10.30
C VAL A 190 -5.36 2.22 -8.98
N GLY A 191 -6.19 2.78 -8.11
CA GLY A 191 -5.75 3.16 -6.77
C GLY A 191 -6.90 3.62 -5.91
N THR A 192 -6.61 3.98 -4.67
CA THR A 192 -7.61 4.56 -3.79
C THR A 192 -7.62 6.06 -4.06
N PRO A 193 -8.78 6.66 -4.45
CA PRO A 193 -8.83 8.04 -4.98
C PRO A 193 -8.07 9.11 -4.18
N ALA A 194 -8.26 9.13 -2.86
CA ALA A 194 -7.56 10.10 -2.00
C ALA A 194 -6.02 10.01 -2.04
N PHE A 195 -5.47 8.84 -2.40
CA PHE A 195 -4.04 8.63 -2.49
C PHE A 195 -3.47 8.69 -3.92
N MET A 196 -4.33 8.99 -4.90
CA MET A 196 -3.94 8.99 -6.33
C MET A 196 -3.34 10.32 -6.74
N ALA A 197 -2.23 10.25 -7.48
CA ALA A 197 -1.49 11.47 -7.84
C ALA A 197 -2.24 12.27 -8.89
N PRO A 198 -1.97 13.60 -8.97
CA PRO A 198 -2.72 14.44 -9.90
C PRO A 198 -2.57 14.06 -11.37
N GLU A 199 -1.38 13.63 -11.78
CA GLU A 199 -1.14 13.25 -13.18
C GLU A 199 -2.01 12.07 -13.63
N SER A 200 -2.45 11.22 -12.69
CA SER A 200 -3.30 10.07 -13.00
C SER A 200 -4.78 10.41 -13.11
N LEU A 201 -5.18 11.64 -12.76
CA LEU A 201 -6.60 12.02 -12.70
C LEU A 201 -6.98 12.99 -13.83
N SER A 202 -6.17 13.02 -14.89
CA SER A 202 -6.42 13.88 -16.03
C SER A 202 -7.42 13.22 -16.98
N GLU A 203 -8.33 14.03 -17.53
CA GLU A 203 -9.19 13.65 -18.66
C GLU A 203 -8.49 14.12 -19.95
N THR A 204 -7.44 13.39 -20.31
CA THR A 204 -6.63 13.70 -21.47
C THR A 204 -5.58 12.60 -21.58
N ARG A 205 -5.61 11.84 -22.69
CA ARG A 205 -4.66 10.74 -22.91
C ARG A 205 -3.22 11.18 -22.60
N LYS A 206 -2.56 10.43 -21.72
CA LYS A 206 -1.23 10.78 -21.24
C LYS A 206 -0.47 9.53 -20.86
N ILE A 207 0.80 9.72 -20.56
CA ILE A 207 1.64 8.69 -20.00
C ILE A 207 2.26 9.26 -18.75
N PHE A 208 2.36 8.45 -17.70
CA PHE A 208 3.00 8.90 -16.47
C PHE A 208 3.78 7.79 -15.78
N SER A 209 4.72 8.21 -14.94
CA SER A 209 5.62 7.32 -14.22
C SER A 209 4.89 6.56 -13.12
N GLY A 210 5.05 5.24 -13.11
CA GLY A 210 4.54 4.41 -12.03
C GLY A 210 5.21 4.69 -10.69
N LYS A 211 6.54 4.80 -10.69
CA LYS A 211 7.27 5.01 -9.46
C LYS A 211 6.88 6.29 -8.76
N ALA A 212 6.64 7.36 -9.54
CA ALA A 212 6.30 8.65 -8.94
C ALA A 212 4.92 8.63 -8.33
N LEU A 213 4.05 7.72 -8.81
CA LEU A 213 2.74 7.51 -8.20
C LEU A 213 2.86 7.02 -6.79
N ASP A 214 3.72 6.01 -6.59
CA ASP A 214 3.99 5.47 -5.27
C ASP A 214 4.56 6.53 -4.31
N VAL A 215 5.44 7.38 -4.81
CA VAL A 215 5.96 8.49 -4.00
C VAL A 215 4.85 9.45 -3.57
N TRP A 216 3.97 9.84 -4.49
CA TRP A 216 2.85 10.68 -4.13
C TRP A 216 2.04 10.07 -2.97
N ALA A 217 1.71 8.79 -3.13
CA ALA A 217 0.93 8.06 -2.14
C ALA A 217 1.68 7.94 -0.81
N MET A 218 3.00 7.78 -0.87
CA MET A 218 3.83 7.84 0.34
C MET A 218 3.75 9.18 1.06
N GLY A 219 3.63 10.25 0.28
CA GLY A 219 3.47 11.59 0.79
C GLY A 219 2.14 11.76 1.49
N VAL A 220 1.08 11.27 0.83
CA VAL A 220 -0.26 11.33 1.42
C VAL A 220 -0.29 10.54 2.73
N THR A 221 0.33 9.36 2.69
CA THR A 221 0.47 8.48 3.83
C THR A 221 1.20 9.15 5.01
N LEU A 222 2.32 9.82 4.74
CA LEU A 222 3.09 10.53 5.79
C LEU A 222 2.27 11.67 6.39
N TYR A 223 1.57 12.40 5.55
CA TYR A 223 0.66 13.45 6.01
C TYR A 223 -0.39 12.87 6.97
N CYS A 224 -1.00 11.74 6.58
CA CYS A 224 -1.95 11.03 7.43
C CYS A 224 -1.35 10.59 8.77
N PHE A 225 -0.15 10.01 8.72
CA PHE A 225 0.58 9.57 9.91
C PHE A 225 0.56 10.62 11.01
N VAL A 226 0.91 11.86 10.67
CA VAL A 226 1.04 12.93 11.67
C VAL A 226 -0.20 13.81 11.88
N PHE A 227 -1.14 13.84 10.93
CA PHE A 227 -2.39 14.59 11.10
C PHE A 227 -3.65 13.76 11.27
N GLY A 228 -3.62 12.47 10.94
CA GLY A 228 -4.81 11.62 11.08
C GLY A 228 -5.92 11.84 10.05
N GLN A 229 -5.61 12.58 8.99
CA GLN A 229 -6.50 12.84 7.88
C GLN A 229 -5.66 13.01 6.62
N CYS A 230 -6.31 12.88 5.47
CA CYS A 230 -5.68 13.10 4.17
C CYS A 230 -5.57 14.60 3.92
N PRO A 231 -4.57 15.02 3.14
CA PRO A 231 -4.40 16.45 2.83
C PRO A 231 -5.44 17.00 1.85
N PHE A 232 -6.01 16.14 1.01
CA PHE A 232 -7.06 16.53 0.07
C PHE A 232 -8.21 15.59 0.29
N MET A 233 -9.36 16.15 0.68
CA MET A 233 -10.55 15.33 0.96
C MET A 233 -11.84 16.01 0.56
N ASP A 234 -12.79 15.18 0.11
CA ASP A 234 -14.12 15.63 -0.22
C ASP A 234 -14.97 14.38 -0.40
N GLU A 235 -16.21 14.40 0.07
CA GLU A 235 -17.18 13.32 -0.16
C GLU A 235 -17.62 13.22 -1.64
N ARG A 236 -17.45 14.31 -2.39
CA ARG A 236 -17.78 14.39 -3.81
C ARG A 236 -16.56 14.05 -4.67
N ILE A 237 -16.60 12.91 -5.36
CA ILE A 237 -15.44 12.38 -6.11
C ILE A 237 -14.85 13.42 -7.07
N MET A 238 -15.71 14.14 -7.81
CA MET A 238 -15.25 15.15 -8.76
C MET A 238 -14.48 16.29 -8.06
N CYS A 239 -14.97 16.74 -6.91
CA CYS A 239 -14.27 17.74 -6.10
C CYS A 239 -13.00 17.17 -5.49
N LEU A 240 -13.02 15.90 -5.07
CA LEU A 240 -11.80 15.27 -4.59
C LEU A 240 -10.74 15.35 -5.67
N HIS A 241 -11.08 14.88 -6.86
CA HIS A 241 -10.11 14.93 -7.98
C HIS A 241 -9.63 16.35 -8.26
N SER A 242 -10.57 17.29 -8.25
CA SER A 242 -10.25 18.68 -8.53
C SER A 242 -9.25 19.24 -7.49
N LYS A 243 -9.45 18.91 -6.23
CA LYS A 243 -8.54 19.32 -5.15
C LYS A 243 -7.16 18.71 -5.27
N ILE A 244 -7.10 17.42 -5.59
CA ILE A 244 -5.82 16.78 -5.80
C ILE A 244 -5.05 17.48 -6.91
N LYS A 245 -5.70 17.78 -8.03
CA LYS A 245 -5.03 18.46 -9.15
C LYS A 245 -4.70 19.95 -8.93
N SER A 246 -5.52 20.66 -8.17
CA SER A 246 -5.41 22.12 -8.15
C SER A 246 -5.44 22.85 -6.80
N GLN A 247 -5.62 22.14 -5.68
CA GLN A 247 -5.66 22.79 -4.36
C GLN A 247 -4.24 22.82 -3.83
N ALA A 248 -3.83 23.97 -3.30
CA ALA A 248 -2.54 24.09 -2.62
C ALA A 248 -2.51 23.23 -1.36
N LEU A 249 -1.40 22.54 -1.14
CA LEU A 249 -1.18 21.80 0.09
C LEU A 249 -1.14 22.75 1.28
N GLU A 250 -1.83 22.38 2.35
CA GLU A 250 -1.87 23.17 3.56
C GLU A 250 -1.71 22.30 4.81
N PHE A 251 -1.00 22.85 5.78
CA PHE A 251 -0.84 22.23 7.07
C PHE A 251 -1.71 22.96 8.08
N PRO A 252 -2.36 22.22 8.99
CA PRO A 252 -3.11 22.92 10.06
C PRO A 252 -2.20 23.57 11.12
N ASP A 253 -2.76 24.41 11.98
CA ASP A 253 -1.97 25.11 13.03
C ASP A 253 -1.51 24.15 14.13
N GLN A 254 -2.37 23.21 14.50
CA GLN A 254 -1.99 22.12 15.40
C GLN A 254 -2.34 20.75 14.76
N PRO A 255 -1.52 19.72 14.92
CA PRO A 255 -0.24 19.78 15.65
C PRO A 255 0.82 20.57 14.88
N ASP A 256 1.61 21.34 15.61
CA ASP A 256 2.73 22.08 15.01
C ASP A 256 3.83 21.06 14.74
N ILE A 257 4.29 20.99 13.49
CA ILE A 257 5.30 20.00 13.09
C ILE A 257 6.54 20.73 12.62
N ALA A 258 7.67 20.02 12.64
CA ALA A 258 8.94 20.55 12.20
C ALA A 258 8.87 21.05 10.76
N GLU A 259 9.68 22.07 10.47
CA GLU A 259 9.80 22.63 9.12
C GLU A 259 10.42 21.66 8.13
N ASP A 260 11.39 20.84 8.56
CA ASP A 260 11.96 19.84 7.66
C ASP A 260 10.94 18.76 7.26
N LEU A 261 9.97 18.44 8.14
CA LEU A 261 8.89 17.52 7.79
C LEU A 261 7.91 18.17 6.79
N LYS A 262 7.59 19.44 6.99
CA LYS A 262 6.76 20.16 6.02
C LYS A 262 7.43 20.18 4.67
N ASP A 263 8.75 20.39 4.66
CA ASP A 263 9.49 20.44 3.42
C ASP A 263 9.42 19.09 2.69
N LEU A 264 9.62 18.00 3.44
CA LEU A 264 9.64 16.65 2.86
C LEU A 264 8.29 16.30 2.24
N ILE A 265 7.23 16.48 3.02
CA ILE A 265 5.85 16.29 2.54
C ILE A 265 5.55 17.17 1.33
N THR A 266 5.97 18.45 1.39
CA THR A 266 5.78 19.37 0.28
C THR A 266 6.47 18.86 -1.01
N ARG A 267 7.64 18.25 -0.88
CA ARG A 267 8.34 17.74 -2.06
C ARG A 267 7.73 16.43 -2.60
N MET A 268 7.15 15.62 -1.72
CA MET A 268 6.48 14.37 -2.11
C MET A 268 5.15 14.63 -2.78
N LEU A 269 4.50 15.72 -2.36
CA LEU A 269 3.23 16.16 -2.90
C LEU A 269 3.33 17.35 -3.86
N ASP A 270 4.50 17.49 -4.49
CA ASP A 270 4.69 18.23 -5.72
C ASP A 270 3.76 17.68 -6.82
N LYS A 271 2.89 18.54 -7.35
CA LYS A 271 1.88 18.13 -8.31
C LYS A 271 2.51 17.82 -9.68
N ASN A 272 3.70 18.35 -9.95
CA ASN A 272 4.45 17.98 -11.14
C ASN A 272 5.28 16.71 -10.85
N PRO A 273 4.92 15.57 -11.46
CA PRO A 273 5.75 14.38 -11.23
C PRO A 273 7.20 14.51 -11.74
N GLU A 274 7.45 15.44 -12.66
CA GLU A 274 8.80 15.65 -13.20
C GLU A 274 9.76 16.19 -12.12
N SER A 275 9.25 17.05 -11.22
CA SER A 275 10.08 17.63 -10.17
C SER A 275 9.86 17.00 -8.78
N ARG A 276 8.93 16.05 -8.69
CA ARG A 276 8.64 15.40 -7.43
C ARG A 276 9.89 14.68 -6.96
N ILE A 277 10.14 14.75 -5.66
CA ILE A 277 11.27 14.08 -5.04
C ILE A 277 11.21 12.57 -5.29
N VAL A 278 12.38 11.94 -5.44
CA VAL A 278 12.46 10.53 -5.74
C VAL A 278 12.97 9.80 -4.49
N VAL A 279 12.76 8.50 -4.48
CA VAL A 279 13.07 7.68 -3.30
C VAL A 279 14.53 7.81 -2.79
N PRO A 280 15.55 7.70 -3.67
CA PRO A 280 16.94 7.88 -3.18
C PRO A 280 17.20 9.25 -2.50
N GLU A 281 16.46 10.29 -2.89
CA GLU A 281 16.55 11.59 -2.25
C GLU A 281 15.78 11.63 -0.93
N ILE A 282 14.65 10.93 -0.86
CA ILE A 282 13.87 10.87 0.39
C ILE A 282 14.74 10.29 1.50
N LYS A 283 15.48 9.23 1.20
CA LYS A 283 16.31 8.58 2.22
C LYS A 283 17.39 9.48 2.86
N LEU A 284 17.83 10.51 2.14
CA LEU A 284 18.86 11.44 2.60
C LEU A 284 18.30 12.80 3.01
N HIS A 285 16.97 12.91 3.02
CA HIS A 285 16.33 14.11 3.49
C HIS A 285 16.61 14.25 4.99
N PRO A 286 16.88 15.49 5.46
CA PRO A 286 17.26 15.71 6.88
C PRO A 286 16.25 15.22 7.94
N TRP A 287 14.96 15.33 7.64
CA TRP A 287 13.93 14.79 8.51
C TRP A 287 14.08 13.28 8.70
N VAL A 288 14.35 12.60 7.60
CA VAL A 288 14.50 11.14 7.62
C VAL A 288 15.80 10.72 8.32
N THR A 289 16.88 11.44 8.09
CA THR A 289 18.19 11.05 8.65
C THR A 289 18.45 11.52 10.09
N ARG A 290 17.62 12.40 10.66
CA ARG A 290 17.73 12.74 12.09
C ARG A 290 16.86 11.82 12.94
C4 DXV B . -6.13 -6.35 5.03
C14 DXV B . -2.24 -9.86 6.68
C5 DXV B . -5.01 -5.38 4.94
C6 DXV B . -4.13 -8.13 2.94
C11 DXV B . -1.93 -10.14 5.30
C7 DXV B . -3.43 -8.53 4.08
C8 DXV B . -4.04 -8.91 1.77
C9 DXV B . -2.68 -9.71 4.10
C10 DXV B . -3.28 -10.08 1.80
C12 DXV B . -2.59 -10.46 2.93
C13 DXV B . -4.75 -8.60 0.47
N1 DXV B . -0.35 -11.07 6.61
N2 DXV B . -1.12 -10.45 8.79
C3 DXV B . -6.30 -6.90 3.62
O1 DXV B . -4.12 -8.79 -0.59
O2 DXV B . -5.93 -8.23 0.52
C1 DXV B . -4.93 -6.83 2.97
C2 DXV B . -4.25 -5.64 3.65
C15 DXV B . -0.78 -10.87 5.32
C16 DXV B . -1.22 -10.48 7.46
C17 DXV B . -3.23 -9.19 7.38
C18 DXV B . -3.16 -9.15 8.78
C19 DXV B . -2.07 -9.78 9.42
C20 DXV B . -4.19 -8.40 9.57
C21 DXV B . -4.96 -7.39 8.98
C22 DXV B . -4.36 -8.62 10.93
C23 DXV B . -5.89 -6.68 9.72
C24 DXV B . -5.29 -7.89 11.68
C25 DXV B . -6.04 -6.92 11.07
C FMT C . 5.39 -10.73 12.46
O1 FMT C . 4.47 -10.40 13.21
O2 FMT C . 6.56 -10.07 12.51
#